data_4YAH
#
_entry.id   4YAH
#
_cell.length_a   59.650
_cell.length_b   87.370
_cell.length_c   112.900
_cell.angle_alpha   90.000
_cell.angle_beta   90.000
_cell.angle_gamma   90.000
#
_symmetry.space_group_name_H-M   'C 2 2 21'
#
loop_
_entity.id
_entity.type
_entity.pdbx_description
1 polymer 'D-methionine-binding lipoprotein MetQ'
2 non-polymer METHIONINE
3 water water
#
_entity_poly.entity_id   1
_entity_poly.type   'polypeptide(L)'
_entity_poly.pdbx_seq_one_letter_code
;MAFKFKTFAAVGALIGSLALVGCGQDEKDPNHIKVGVIVGAEQQVAEVAQKVAKDKYGLDVELVTFNDYVLPNEALSKGD
IDANAFQHKPYLDQQLKDRGYKLVAVGNTFVYPIAGYSKKIKSLDELQDGSQVAVPNDPTNLGRSLLLLQKVGLIKLKDG
VGLLPTVLDVVENPKNLKIVELEAPQLPRSLDDAQIALAVINTTYASQIGLTPAKDGIFVEDKESPYVNLIVTREDNKDA
ENVKKFVQAYQSDEVYEAANKVFNGGAVKGWLEHHHHHH
;
_entity_poly.pdbx_strand_id   X
#
# COMPACT_ATOMS: atom_id res chain seq x y z
N ASP A 29 -1.80 -26.48 -15.31
CA ASP A 29 -2.23 -25.72 -16.47
C ASP A 29 -1.15 -24.69 -16.86
N PRO A 30 -0.48 -24.92 -18.00
CA PRO A 30 0.67 -24.08 -18.32
C PRO A 30 0.29 -22.70 -18.87
N ASN A 31 -0.99 -22.44 -19.06
CA ASN A 31 -1.43 -21.15 -19.55
C ASN A 31 -2.23 -20.40 -18.50
N HIS A 32 -2.06 -20.80 -17.25
CA HIS A 32 -2.83 -20.26 -16.13
C HIS A 32 -1.90 -19.74 -15.05
N ILE A 33 -2.20 -18.56 -14.49
CA ILE A 33 -1.45 -18.04 -13.37
C ILE A 33 -2.42 -17.41 -12.36
N LYS A 34 -2.17 -17.68 -11.08
CA LYS A 34 -2.98 -17.09 -10.00
C LYS A 34 -2.20 -15.92 -9.38
N VAL A 35 -2.84 -14.75 -9.32
CA VAL A 35 -2.20 -13.55 -8.76
C VAL A 35 -3.03 -13.00 -7.62
N GLY A 36 -2.40 -12.84 -6.46
CA GLY A 36 -3.07 -12.27 -5.30
C GLY A 36 -3.07 -10.75 -5.31
N VAL A 37 -4.25 -10.18 -5.08
CA VAL A 37 -4.47 -8.73 -5.09
C VAL A 37 -5.41 -8.36 -3.96
N ILE A 38 -5.48 -7.07 -3.64
CA ILE A 38 -6.36 -6.62 -2.56
C ILE A 38 -7.69 -6.10 -3.11
N VAL A 39 -8.79 -6.45 -2.43
CA VAL A 39 -10.10 -6.00 -2.87
C VAL A 39 -10.21 -4.49 -2.86
N GLY A 40 -11.04 -3.97 -3.74
CA GLY A 40 -11.22 -2.54 -3.85
C GLY A 40 -10.61 -2.08 -5.16
N ALA A 41 -10.13 -0.85 -5.16
CA ALA A 41 -9.67 -0.23 -6.38
C ALA A 41 -8.47 -0.96 -6.94
N GLU A 42 -7.65 -1.58 -6.09
CA GLU A 42 -6.47 -2.29 -6.59
C GLU A 42 -6.92 -3.53 -7.38
N GLN A 43 -7.98 -4.18 -6.93
CA GLN A 43 -8.54 -5.29 -7.68
C GLN A 43 -9.06 -4.83 -9.04
N GLN A 44 -9.69 -3.66 -9.07
CA GLN A 44 -10.20 -3.12 -10.33
C GLN A 44 -9.05 -2.92 -11.32
N VAL A 45 -7.92 -2.39 -10.85
CA VAL A 45 -6.78 -2.15 -11.71
C VAL A 45 -6.23 -3.49 -12.19
N ALA A 46 -6.17 -4.47 -11.30
CA ALA A 46 -5.65 -5.79 -11.64
C ALA A 46 -6.53 -6.45 -12.68
N GLU A 47 -7.83 -6.18 -12.62
CA GLU A 47 -8.76 -6.71 -13.61
C GLU A 47 -8.41 -6.19 -15.01
N VAL A 48 -7.91 -4.95 -15.10
CA VAL A 48 -7.50 -4.42 -16.38
C VAL A 48 -6.25 -5.18 -16.86
N ALA A 49 -5.33 -5.46 -15.94
CA ALA A 49 -4.11 -6.22 -16.29
C ALA A 49 -4.46 -7.62 -16.77
N GLN A 50 -5.43 -8.22 -16.09
CA GLN A 50 -5.98 -9.52 -16.48
C GLN A 50 -6.48 -9.48 -17.91
N LYS A 51 -7.17 -8.40 -18.25
CA LYS A 51 -7.72 -8.23 -19.58
C LYS A 51 -6.63 -8.07 -20.62
N VAL A 52 -5.66 -7.19 -20.33
CA VAL A 52 -4.52 -7.01 -21.23
C VAL A 52 -3.81 -8.34 -21.46
N ALA A 53 -3.62 -9.11 -20.40
CA ALA A 53 -2.91 -10.38 -20.52
C ALA A 53 -3.66 -11.32 -21.46
N LYS A 54 -5.00 -11.33 -21.36
CA LYS A 54 -5.82 -12.17 -22.23
C LYS A 54 -5.74 -11.68 -23.67
N ASP A 55 -5.93 -10.39 -23.87
CA ASP A 55 -5.92 -9.81 -25.20
C ASP A 55 -4.57 -9.92 -25.91
N LYS A 56 -3.49 -9.68 -25.18
CA LYS A 56 -2.15 -9.63 -25.76
C LYS A 56 -1.54 -11.02 -25.90
N TYR A 57 -1.78 -11.89 -24.93
CA TYR A 57 -1.14 -13.22 -24.91
C TYR A 57 -2.07 -14.41 -24.87
N GLY A 58 -3.36 -14.16 -24.66
CA GLY A 58 -4.29 -15.24 -24.42
C GLY A 58 -3.93 -15.96 -23.13
N LEU A 59 -3.26 -15.26 -22.21
CA LEU A 59 -2.90 -15.82 -20.91
C LEU A 59 -4.12 -15.79 -19.99
N ASP A 60 -4.33 -16.88 -19.27
CA ASP A 60 -5.45 -16.98 -18.34
C ASP A 60 -4.98 -16.59 -16.93
N VAL A 61 -5.20 -15.34 -16.58
CA VAL A 61 -4.90 -14.84 -15.25
C VAL A 61 -6.12 -14.95 -14.32
N GLU A 62 -5.92 -15.62 -13.19
CA GLU A 62 -6.93 -15.71 -12.14
C GLU A 62 -6.54 -14.79 -11.00
N LEU A 63 -7.43 -13.86 -10.65
CA LEU A 63 -7.19 -13.00 -9.50
C LEU A 63 -7.72 -13.66 -8.24
N VAL A 64 -6.85 -13.78 -7.23
CA VAL A 64 -7.23 -14.27 -5.92
C VAL A 64 -7.24 -13.06 -5.02
N THR A 65 -8.38 -12.78 -4.40
CA THR A 65 -8.52 -11.52 -3.65
C THR A 65 -8.32 -11.72 -2.16
N PHE A 66 -7.74 -10.69 -1.55
CA PHE A 66 -7.44 -10.64 -0.12
C PHE A 66 -7.89 -9.28 0.38
N ASN A 67 -8.06 -9.15 1.70
CA ASN A 67 -8.28 -7.84 2.31
C ASN A 67 -7.36 -7.65 3.49
N ASP A 68 -6.13 -8.12 3.37
CA ASP A 68 -5.12 -7.90 4.38
C ASP A 68 -3.76 -8.00 3.73
N TYR A 69 -2.73 -7.64 4.50
CA TYR A 69 -1.39 -7.56 3.97
C TYR A 69 -0.50 -8.74 4.39
N VAL A 70 -1.07 -9.69 5.12
CA VAL A 70 -0.29 -10.83 5.62
C VAL A 70 -0.54 -12.09 4.77
N LEU A 71 -1.81 -12.43 4.59
CA LEU A 71 -2.12 -13.67 3.87
C LEU A 71 -1.62 -13.74 2.43
N PRO A 72 -1.53 -12.61 1.72
CA PRO A 72 -1.05 -12.79 0.34
C PRO A 72 0.38 -13.33 0.22
N ASN A 73 1.27 -12.96 1.14
CA ASN A 73 2.62 -13.50 1.10
C ASN A 73 2.66 -14.95 1.61
N GLU A 74 1.81 -15.29 2.57
CA GLU A 74 1.69 -16.69 3.02
C GLU A 74 1.24 -17.58 1.88
N ALA A 75 0.24 -17.11 1.14
CA ALA A 75 -0.33 -17.86 0.04
C ALA A 75 0.72 -18.08 -1.04
N LEU A 76 1.48 -17.05 -1.32
CA LEU A 76 2.54 -17.13 -2.33
C LEU A 76 3.62 -18.12 -1.90
N SER A 77 4.08 -17.99 -0.66
CA SER A 77 5.15 -18.83 -0.12
C SER A 77 4.75 -20.30 -0.16
N LYS A 78 3.49 -20.58 0.16
CA LYS A 78 2.99 -21.94 0.22
C LYS A 78 2.67 -22.52 -1.15
N GLY A 79 2.71 -21.67 -2.18
CA GLY A 79 2.43 -22.10 -3.53
C GLY A 79 0.96 -22.07 -3.91
N ASP A 80 0.12 -21.46 -3.08
CA ASP A 80 -1.31 -21.34 -3.35
C ASP A 80 -1.61 -20.35 -4.47
N ILE A 81 -0.69 -19.40 -4.65
CA ILE A 81 -0.75 -18.48 -5.78
C ILE A 81 0.66 -18.37 -6.36
N ASP A 82 0.75 -17.88 -7.59
CA ASP A 82 2.01 -17.76 -8.31
C ASP A 82 2.75 -16.44 -8.09
N ALA A 83 1.97 -15.40 -7.82
CA ALA A 83 2.50 -14.06 -7.69
C ALA A 83 1.54 -13.26 -6.85
N ASN A 84 1.98 -12.13 -6.30
CA ASN A 84 1.01 -11.18 -5.81
C ASN A 84 1.43 -9.77 -6.18
N ALA A 85 0.49 -8.85 -6.02
CA ALA A 85 0.70 -7.50 -6.46
C ALA A 85 0.07 -6.54 -5.48
N PHE A 86 0.77 -6.24 -4.38
CA PHE A 86 0.15 -5.46 -3.32
C PHE A 86 1.09 -4.73 -2.37
N GLN A 87 2.40 -4.96 -2.46
CA GLN A 87 3.32 -4.46 -1.44
C GLN A 87 4.48 -3.65 -2.03
N HIS A 88 5.04 -2.74 -1.23
CA HIS A 88 6.24 -2.02 -1.64
C HIS A 88 7.48 -2.74 -1.10
N LYS A 89 8.67 -2.30 -1.49
CA LYS A 89 9.88 -3.05 -1.17
C LYS A 89 10.23 -3.02 0.31
N PRO A 90 10.05 -1.87 1.00
CA PRO A 90 10.33 -1.96 2.43
C PRO A 90 9.48 -3.04 3.13
N TYR A 91 8.22 -3.13 2.75
CA TYR A 91 7.33 -4.13 3.33
C TYR A 91 7.83 -5.54 3.00
N LEU A 92 8.16 -5.75 1.74
CA LEU A 92 8.68 -7.04 1.29
C LEU A 92 9.91 -7.43 2.12
N ASP A 93 10.87 -6.52 2.20
CA ASP A 93 12.11 -6.77 2.95
C ASP A 93 11.84 -7.12 4.41
N GLN A 94 10.89 -6.44 5.03
CA GLN A 94 10.54 -6.71 6.41
C GLN A 94 9.92 -8.09 6.56
N GLN A 95 9.12 -8.48 5.57
CA GLN A 95 8.49 -9.80 5.52
C GLN A 95 9.56 -10.90 5.39
N LEU A 96 10.56 -10.67 4.56
CA LEU A 96 11.64 -11.65 4.44
C LEU A 96 12.34 -11.83 5.79
N LYS A 97 12.61 -10.74 6.48
CA LYS A 97 13.26 -10.80 7.80
C LYS A 97 12.37 -11.49 8.83
N ASP A 98 11.12 -11.07 8.91
CA ASP A 98 10.24 -11.54 9.97
C ASP A 98 9.64 -12.92 9.74
N ARG A 99 9.42 -13.30 8.48
CA ARG A 99 8.74 -14.56 8.16
C ARG A 99 9.65 -15.56 7.46
N GLY A 100 10.77 -15.09 6.92
CA GLY A 100 11.76 -15.99 6.37
C GLY A 100 11.43 -16.49 4.98
N TYR A 101 10.50 -15.83 4.31
CA TYR A 101 10.11 -16.19 2.94
C TYR A 101 11.26 -15.98 1.96
N LYS A 102 11.21 -16.69 0.84
CA LYS A 102 12.15 -16.45 -0.27
C LYS A 102 11.38 -15.89 -1.47
N LEU A 103 11.08 -14.60 -1.36
CA LEU A 103 10.29 -13.91 -2.38
C LEU A 103 11.13 -12.83 -3.01
N VAL A 104 10.77 -12.49 -4.23
CA VAL A 104 11.49 -11.48 -4.98
C VAL A 104 10.56 -10.65 -5.85
N ALA A 105 10.95 -9.39 -6.05
CA ALA A 105 10.24 -8.48 -6.92
C ALA A 105 10.57 -8.76 -8.37
N VAL A 106 9.55 -8.80 -9.22
CA VAL A 106 9.73 -9.02 -10.64
C VAL A 106 9.23 -7.86 -11.47
N GLY A 107 8.81 -6.79 -10.81
CA GLY A 107 8.36 -5.61 -11.53
C GLY A 107 7.69 -4.60 -10.62
N ASN A 108 7.83 -3.32 -10.96
CA ASN A 108 7.14 -2.24 -10.24
C ASN A 108 5.74 -2.01 -10.79
N THR A 109 4.85 -1.56 -9.92
CA THR A 109 3.52 -1.15 -10.35
C THR A 109 3.40 0.36 -10.11
N PHE A 110 2.67 0.77 -9.07
CA PHE A 110 2.48 2.20 -8.80
C PHE A 110 3.00 2.63 -7.44
N VAL A 111 3.38 3.90 -7.33
CA VAL A 111 3.51 4.54 -6.02
C VAL A 111 2.12 5.08 -5.67
N TYR A 112 1.70 4.88 -4.42
CA TYR A 112 0.41 5.33 -3.91
C TYR A 112 0.68 6.27 -2.74
N PRO A 113 0.91 7.57 -3.02
CA PRO A 113 1.29 8.45 -1.91
C PRO A 113 0.22 8.45 -0.83
N ILE A 114 0.65 8.23 0.40
CA ILE A 114 -0.29 7.99 1.48
C ILE A 114 -0.74 9.32 2.09
N ALA A 115 -1.96 9.32 2.60
CA ALA A 115 -2.55 10.55 3.12
C ALA A 115 -3.14 10.38 4.52
N GLY A 116 -3.30 11.50 5.20
CA GLY A 116 -4.02 11.57 6.46
C GLY A 116 -5.45 12.02 6.19
N TYR A 117 -6.40 11.39 6.87
CA TYR A 117 -7.83 11.62 6.66
C TYR A 117 -8.52 11.83 7.97
N SER A 118 -9.68 12.48 7.94
CA SER A 118 -10.48 12.65 9.14
C SER A 118 -11.95 12.84 8.80
N LYS A 119 -12.83 12.35 9.68
CA LYS A 119 -14.25 12.68 9.59
C LYS A 119 -14.66 13.66 10.69
N LYS A 120 -13.68 14.16 11.44
CA LYS A 120 -13.93 15.11 12.54
C LYS A 120 -13.37 16.51 12.30
N ILE A 121 -12.28 16.62 11.55
CA ILE A 121 -11.61 17.89 11.26
C ILE A 121 -11.28 18.02 9.78
N LYS A 122 -11.08 19.25 9.33
CA LYS A 122 -10.75 19.55 7.94
C LYS A 122 -9.31 20.07 7.82
N SER A 123 -8.72 20.42 8.96
CA SER A 123 -7.40 21.03 8.97
C SER A 123 -6.68 20.74 10.27
N LEU A 124 -5.36 20.78 10.25
CA LEU A 124 -4.59 20.56 11.46
C LEU A 124 -4.82 21.69 12.46
N ASP A 125 -5.33 22.82 11.99
CA ASP A 125 -5.71 23.93 12.89
C ASP A 125 -6.72 23.46 13.94
N GLU A 126 -7.50 22.45 13.59
CA GLU A 126 -8.58 21.96 14.45
C GLU A 126 -8.18 20.77 15.32
N LEU A 127 -6.95 20.29 15.18
CA LEU A 127 -6.54 19.09 15.91
C LEU A 127 -6.32 19.40 17.39
N GLN A 128 -7.19 18.88 18.23
CA GLN A 128 -7.10 19.11 19.66
C GLN A 128 -5.98 18.34 20.32
N ASP A 129 -5.45 18.94 21.37
CA ASP A 129 -4.50 18.26 22.24
C ASP A 129 -5.11 16.95 22.71
N GLY A 130 -4.26 15.92 22.80
CA GLY A 130 -4.69 14.63 23.31
C GLY A 130 -5.42 13.78 22.29
N SER A 131 -5.50 14.24 21.05
CA SER A 131 -6.25 13.53 20.02
C SER A 131 -5.60 12.20 19.72
N GLN A 132 -6.42 11.19 19.47
CA GLN A 132 -5.89 9.92 18.95
C GLN A 132 -5.72 10.01 17.45
N VAL A 133 -4.57 9.53 16.99
CA VAL A 133 -4.22 9.52 15.58
C VAL A 133 -3.93 8.08 15.20
N ALA A 134 -4.70 7.53 14.28
CA ALA A 134 -4.57 6.12 13.90
C ALA A 134 -3.56 5.97 12.77
N VAL A 135 -2.72 4.95 12.87
CA VAL A 135 -1.75 4.62 11.84
C VAL A 135 -1.66 3.10 11.69
N PRO A 136 -1.18 2.64 10.52
CA PRO A 136 -0.93 1.20 10.36
C PRO A 136 0.06 0.66 11.38
N ASN A 137 -0.08 -0.61 11.78
CA ASN A 137 0.79 -1.15 12.82
C ASN A 137 1.93 -2.06 12.36
N ASP A 138 2.08 -2.24 11.06
CA ASP A 138 3.20 -3.04 10.55
C ASP A 138 4.42 -2.12 10.45
N PRO A 139 5.63 -2.66 10.67
CA PRO A 139 6.78 -1.76 10.88
C PRO A 139 7.05 -0.74 9.78
N THR A 140 6.95 -1.10 8.52
CA THR A 140 7.34 -0.15 7.49
C THR A 140 6.24 0.88 7.22
N ASN A 141 4.97 0.50 7.33
CA ASN A 141 3.94 1.51 7.07
C ASN A 141 3.71 2.35 8.32
N LEU A 142 3.98 1.79 9.49
CA LEU A 142 4.03 2.58 10.70
C LEU A 142 5.13 3.65 10.58
N GLY A 143 6.33 3.23 10.18
CA GLY A 143 7.45 4.14 10.09
C GLY A 143 7.12 5.23 9.09
N ARG A 144 6.57 4.80 7.97
CA ARG A 144 6.16 5.71 6.92
C ARG A 144 5.16 6.77 7.41
N SER A 145 4.18 6.34 8.20
CA SER A 145 3.19 7.22 8.76
C SER A 145 3.79 8.21 9.73
N LEU A 146 4.69 7.74 10.57
CA LEU A 146 5.35 8.64 11.51
C LEU A 146 6.21 9.67 10.77
N LEU A 147 6.87 9.26 9.70
CA LEU A 147 7.64 10.21 8.90
C LEU A 147 6.72 11.27 8.29
N LEU A 148 5.51 10.88 7.92
CA LEU A 148 4.56 11.83 7.35
C LEU A 148 4.09 12.82 8.41
N LEU A 149 3.82 12.31 9.61
CA LEU A 149 3.40 13.16 10.73
C LEU A 149 4.51 14.15 11.10
N GLN A 150 5.76 13.72 10.93
CA GLN A 150 6.90 14.60 11.17
C GLN A 150 6.98 15.66 10.06
N LYS A 151 6.80 15.23 8.82
CA LYS A 151 6.84 16.12 7.68
C LYS A 151 5.87 17.28 7.82
N VAL A 152 4.66 17.00 8.33
CA VAL A 152 3.66 18.06 8.48
C VAL A 152 3.78 18.78 9.82
N GLY A 153 4.82 18.43 10.59
CA GLY A 153 5.19 19.19 11.77
C GLY A 153 4.49 18.86 13.09
N LEU A 154 3.75 17.76 13.12
CA LEU A 154 3.01 17.39 14.31
C LEU A 154 3.92 16.77 15.36
N ILE A 155 4.96 16.07 14.91
CA ILE A 155 5.89 15.41 15.81
C ILE A 155 7.31 15.58 15.29
N LYS A 156 8.29 15.30 16.15
CA LYS A 156 9.67 15.18 15.71
C LYS A 156 10.20 13.85 16.18
N LEU A 157 10.97 13.21 15.31
CA LEU A 157 11.57 11.92 15.58
C LEU A 157 13.07 12.03 15.84
N LYS A 158 13.59 11.05 16.56
CA LYS A 158 15.02 10.89 16.79
C LYS A 158 15.79 10.84 15.48
N ASP A 159 17.05 11.24 15.52
CA ASP A 159 17.89 11.10 14.35
C ASP A 159 18.21 9.63 14.09
N GLY A 160 18.48 9.30 12.84
CA GLY A 160 18.97 8.00 12.45
C GLY A 160 17.92 6.90 12.35
N VAL A 161 16.64 7.26 12.33
CA VAL A 161 15.58 6.25 12.31
C VAL A 161 15.40 5.61 10.94
N GLY A 162 15.81 6.31 9.88
CA GLY A 162 15.66 5.81 8.54
C GLY A 162 14.18 5.64 8.20
N LEU A 163 13.84 4.46 7.66
CA LEU A 163 12.47 4.15 7.27
C LEU A 163 11.67 3.49 8.38
N LEU A 164 12.32 3.18 9.50
CA LEU A 164 11.70 2.37 10.54
C LEU A 164 11.61 3.06 11.91
N PRO A 165 11.21 4.34 11.93
CA PRO A 165 10.91 4.87 13.26
C PRO A 165 9.73 4.13 13.92
N THR A 166 9.74 4.09 15.25
CA THR A 166 8.59 3.63 16.03
C THR A 166 8.09 4.77 16.91
N VAL A 167 7.01 4.52 17.64
CA VAL A 167 6.48 5.55 18.52
C VAL A 167 7.48 5.89 19.61
N LEU A 168 8.33 4.94 19.97
CA LEU A 168 9.40 5.22 20.95
C LEU A 168 10.40 6.28 20.48
N ASP A 169 10.45 6.52 19.17
CA ASP A 169 11.36 7.50 18.58
C ASP A 169 10.79 8.93 18.54
N VAL A 170 9.58 9.12 19.05
CA VAL A 170 8.97 10.43 19.07
C VAL A 170 9.62 11.22 20.19
N VAL A 171 10.26 12.34 19.82
CA VAL A 171 10.96 13.16 20.81
C VAL A 171 10.31 14.51 21.07
N GLU A 172 9.47 14.95 20.13
CA GLU A 172 8.62 16.13 20.34
C GLU A 172 7.21 15.78 19.89
N ASN A 173 6.25 16.19 20.70
CA ASN A 173 4.84 15.90 20.48
C ASN A 173 4.06 16.95 21.27
N PRO A 174 4.09 18.19 20.79
CA PRO A 174 3.55 19.30 21.60
C PRO A 174 2.03 19.25 21.84
N LYS A 175 1.27 18.63 20.94
CA LYS A 175 -0.16 18.47 21.15
C LYS A 175 -0.47 17.22 21.94
N ASN A 176 0.56 16.49 22.39
CA ASN A 176 0.37 15.28 23.18
C ASN A 176 -0.60 14.32 22.49
N LEU A 177 -0.38 14.14 21.19
CA LEU A 177 -1.17 13.21 20.41
C LEU A 177 -0.91 11.79 20.86
N LYS A 178 -1.93 10.96 20.74
CA LYS A 178 -1.83 9.56 21.11
C LYS A 178 -1.86 8.76 19.82
N ILE A 179 -0.75 8.10 19.51
CA ILE A 179 -0.66 7.31 18.29
C ILE A 179 -1.29 5.95 18.56
N VAL A 180 -2.30 5.61 17.76
CA VAL A 180 -3.04 4.37 17.90
C VAL A 180 -2.71 3.47 16.73
N GLU A 181 -2.01 2.37 16.99
CA GLU A 181 -1.55 1.47 15.93
C GLU A 181 -2.61 0.42 15.65
N LEU A 182 -3.06 0.33 14.40
CA LEU A 182 -4.12 -0.61 14.01
C LEU A 182 -3.68 -1.42 12.80
N GLU A 183 -4.27 -2.59 12.64
CA GLU A 183 -4.08 -3.35 11.41
C GLU A 183 -4.55 -2.51 10.22
N ALA A 184 -3.74 -2.47 9.16
CA ALA A 184 -4.00 -1.59 8.03
C ALA A 184 -5.46 -1.64 7.53
N PRO A 185 -6.07 -2.83 7.41
CA PRO A 185 -7.44 -2.84 6.87
C PRO A 185 -8.48 -2.24 7.79
N GLN A 186 -8.13 -2.01 9.06
CA GLN A 186 -9.06 -1.46 10.03
C GLN A 186 -9.06 0.05 9.99
N LEU A 187 -8.13 0.65 9.24
CA LEU A 187 -7.98 2.10 9.32
C LEU A 187 -9.21 2.87 8.77
N PRO A 188 -9.84 2.40 7.68
CA PRO A 188 -11.04 3.14 7.25
C PRO A 188 -12.16 3.21 8.31
N ARG A 189 -12.47 2.10 8.96
CA ARG A 189 -13.55 2.12 9.94
C ARG A 189 -13.12 2.90 11.20
N SER A 190 -11.81 3.05 11.41
CA SER A 190 -11.31 3.75 12.59
C SER A 190 -11.74 5.23 12.60
N LEU A 191 -12.02 5.76 11.41
CA LEU A 191 -12.42 7.16 11.27
C LEU A 191 -13.69 7.49 12.02
N ASP A 192 -14.57 6.51 12.18
CA ASP A 192 -15.84 6.70 12.87
C ASP A 192 -15.73 6.52 14.37
N ASP A 193 -14.60 6.02 14.87
CA ASP A 193 -14.42 5.84 16.30
C ASP A 193 -14.49 7.21 16.99
N ALA A 194 -15.13 7.25 18.15
CA ALA A 194 -15.44 8.52 18.80
C ALA A 194 -14.20 9.32 19.14
N GLN A 195 -13.07 8.65 19.36
CA GLN A 195 -11.85 9.35 19.77
C GLN A 195 -10.80 9.53 18.66
N ILE A 196 -11.01 8.93 17.47
CA ILE A 196 -10.02 9.03 16.40
C ILE A 196 -10.21 10.29 15.57
N ALA A 197 -9.30 11.23 15.72
CA ALA A 197 -9.41 12.54 15.09
C ALA A 197 -8.77 12.60 13.72
N LEU A 198 -7.90 11.63 13.44
CA LEU A 198 -7.04 11.65 12.29
C LEU A 198 -6.54 10.23 12.06
N ALA A 199 -6.48 9.81 10.80
CA ALA A 199 -5.93 8.50 10.45
C ALA A 199 -5.07 8.58 9.21
N VAL A 200 -3.90 7.94 9.25
CA VAL A 200 -3.06 7.79 8.06
C VAL A 200 -3.41 6.43 7.48
N ILE A 201 -3.92 6.43 6.25
CA ILE A 201 -4.55 5.25 5.68
C ILE A 201 -3.96 4.95 4.30
N ASN A 202 -3.50 3.71 4.11
CA ASN A 202 -3.09 3.30 2.79
C ASN A 202 -4.20 3.50 1.78
N THR A 203 -3.85 3.98 0.60
CA THR A 203 -4.85 4.23 -0.42
C THR A 203 -5.60 2.96 -0.80
N THR A 204 -4.96 1.80 -0.63
CA THR A 204 -5.60 0.47 -0.76
C THR A 204 -6.96 0.44 -0.08
N TYR A 205 -6.95 0.83 1.19
CA TYR A 205 -8.13 0.75 2.05
C TYR A 205 -8.94 2.05 2.06
N ALA A 206 -8.29 3.21 1.93
CA ALA A 206 -9.01 4.48 1.79
C ALA A 206 -9.97 4.43 0.60
N SER A 207 -9.52 3.79 -0.48
CA SER A 207 -10.31 3.72 -1.70
C SER A 207 -11.57 2.83 -1.51
N GLN A 208 -11.54 1.93 -0.54
CA GLN A 208 -12.70 1.08 -0.27
C GLN A 208 -13.90 1.87 0.21
N ILE A 209 -13.67 3.00 0.88
CA ILE A 209 -14.77 3.87 1.29
C ILE A 209 -14.77 5.20 0.52
N GLY A 210 -14.19 5.16 -0.68
CA GLY A 210 -14.35 6.24 -1.63
C GLY A 210 -13.53 7.48 -1.36
N LEU A 211 -12.46 7.32 -0.59
CA LEU A 211 -11.54 8.42 -0.29
C LEU A 211 -10.29 8.32 -1.16
N THR A 212 -9.81 9.47 -1.58
CA THR A 212 -8.51 9.57 -2.26
C THR A 212 -7.71 10.72 -1.70
N PRO A 213 -6.38 10.66 -1.82
CA PRO A 213 -5.59 11.74 -1.26
C PRO A 213 -5.97 13.11 -1.80
N ALA A 214 -6.16 13.24 -3.11
CA ALA A 214 -6.35 14.58 -3.68
C ALA A 214 -7.69 15.17 -3.27
N LYS A 215 -8.69 14.33 -3.08
CA LYS A 215 -10.04 14.82 -2.81
C LYS A 215 -10.27 14.98 -1.31
N ASP A 216 -9.71 14.09 -0.52
CA ASP A 216 -10.09 13.98 0.89
C ASP A 216 -8.93 14.12 1.86
N GLY A 217 -7.71 14.05 1.35
CA GLY A 217 -6.54 14.12 2.21
C GLY A 217 -6.35 15.48 2.85
N ILE A 218 -6.11 15.49 4.14
CA ILE A 218 -5.71 16.69 4.85
C ILE A 218 -4.23 17.01 4.59
N PHE A 219 -3.43 15.96 4.42
CA PHE A 219 -2.05 16.10 4.02
C PHE A 219 -1.68 14.81 3.33
N VAL A 220 -0.67 14.89 2.47
CA VAL A 220 -0.30 13.79 1.59
C VAL A 220 1.22 13.74 1.48
N GLU A 221 1.72 12.52 1.53
CA GLU A 221 3.11 12.19 1.23
C GLU A 221 3.56 12.69 -0.14
N ASP A 222 4.83 13.07 -0.28
CA ASP A 222 5.40 13.41 -1.61
C ASP A 222 5.33 12.23 -2.58
N LYS A 223 5.13 12.49 -3.86
CA LYS A 223 5.16 11.44 -4.88
C LYS A 223 6.49 10.67 -4.87
N GLU A 224 7.58 11.40 -4.64
CA GLU A 224 8.90 10.79 -4.56
C GLU A 224 9.10 10.12 -3.22
N SER A 225 9.11 8.79 -3.22
CA SER A 225 9.24 8.04 -2.00
C SER A 225 9.77 6.67 -2.34
N PRO A 226 10.19 5.91 -1.33
CA PRO A 226 10.65 4.55 -1.60
C PRO A 226 9.52 3.52 -1.72
N TYR A 227 8.27 3.94 -1.85
CA TYR A 227 7.16 3.00 -1.65
C TYR A 227 6.45 2.54 -2.92
N VAL A 228 7.18 2.48 -4.05
CA VAL A 228 6.57 1.92 -5.24
C VAL A 228 6.16 0.48 -4.94
N ASN A 229 4.94 0.11 -5.34
CA ASN A 229 4.45 -1.24 -5.13
C ASN A 229 5.06 -2.17 -6.17
N LEU A 230 4.90 -3.48 -5.94
CA LEU A 230 5.65 -4.51 -6.66
C LEU A 230 4.76 -5.67 -7.05
N ILE A 231 5.14 -6.35 -8.12
CA ILE A 231 4.68 -7.71 -8.40
C ILE A 231 5.78 -8.58 -7.84
N VAL A 232 5.38 -9.55 -7.02
CA VAL A 232 6.30 -10.39 -6.28
C VAL A 232 5.99 -11.86 -6.51
N THR A 233 7.05 -12.67 -6.64
CA THR A 233 6.94 -14.12 -6.79
C THR A 233 7.85 -14.79 -5.80
N ARG A 234 7.88 -16.13 -5.84
CA ARG A 234 8.90 -16.86 -5.12
C ARG A 234 10.19 -16.80 -5.94
N GLU A 235 11.31 -17.02 -5.27
CA GLU A 235 12.59 -17.16 -5.96
C GLU A 235 12.48 -18.22 -7.05
N ASP A 236 11.79 -19.32 -6.76
CA ASP A 236 11.79 -20.46 -7.69
C ASP A 236 11.01 -20.19 -8.98
N ASN A 237 10.07 -19.26 -9.00
CA ASN A 237 9.29 -19.03 -10.22
C ASN A 237 9.40 -17.61 -10.78
N LYS A 238 10.43 -16.88 -10.34
CA LYS A 238 10.61 -15.49 -10.74
C LYS A 238 10.78 -15.31 -12.25
N ASP A 239 11.30 -16.34 -12.92
CA ASP A 239 11.56 -16.29 -14.36
C ASP A 239 10.55 -17.06 -15.20
N ALA A 240 9.46 -17.49 -14.57
CA ALA A 240 8.42 -18.21 -15.29
C ALA A 240 7.87 -17.35 -16.41
N GLU A 241 7.62 -17.96 -17.56
CA GLU A 241 7.16 -17.20 -18.70
C GLU A 241 5.82 -16.52 -18.40
N ASN A 242 4.95 -17.14 -17.60
CA ASN A 242 3.63 -16.55 -17.32
C ASN A 242 3.78 -15.35 -16.41
N VAL A 243 4.77 -15.38 -15.53
CA VAL A 243 5.08 -14.24 -14.66
C VAL A 243 5.51 -13.07 -15.52
N LYS A 244 6.40 -13.32 -16.49
CA LYS A 244 6.90 -12.26 -17.35
C LYS A 244 5.75 -11.63 -18.12
N LYS A 245 4.84 -12.47 -18.60
CA LYS A 245 3.69 -11.98 -19.33
C LYS A 245 2.80 -11.10 -18.46
N PHE A 246 2.56 -11.54 -17.24
CA PHE A 246 1.67 -10.79 -16.37
C PHE A 246 2.28 -9.43 -16.07
N VAL A 247 3.59 -9.42 -15.85
CA VAL A 247 4.26 -8.16 -15.55
C VAL A 247 4.09 -7.21 -16.72
N GLN A 248 4.28 -7.71 -17.93
CA GLN A 248 4.16 -6.85 -19.11
C GLN A 248 2.74 -6.34 -19.28
N ALA A 249 1.76 -7.16 -18.90
CA ALA A 249 0.36 -6.78 -19.01
C ALA A 249 0.02 -5.69 -18.00
N TYR A 250 0.53 -5.84 -16.78
CA TYR A 250 0.26 -4.86 -15.74
C TYR A 250 0.93 -3.52 -16.07
N GLN A 251 2.17 -3.59 -16.56
CA GLN A 251 2.92 -2.40 -16.90
C GLN A 251 2.54 -1.90 -18.29
N SER A 252 1.28 -1.47 -18.42
CA SER A 252 0.74 -1.04 -19.70
C SER A 252 -0.01 0.27 -19.55
N ASP A 253 -0.14 1.00 -20.64
CA ASP A 253 -0.86 2.26 -20.62
C ASP A 253 -2.32 2.05 -20.19
N GLU A 254 -2.91 0.94 -20.59
CA GLU A 254 -4.30 0.67 -20.26
C GLU A 254 -4.46 0.57 -18.75
N VAL A 255 -3.50 -0.06 -18.09
CA VAL A 255 -3.57 -0.25 -16.65
C VAL A 255 -3.31 1.09 -15.97
N TYR A 256 -2.34 1.86 -16.46
CA TYR A 256 -2.08 3.16 -15.86
C TYR A 256 -3.31 4.05 -15.95
N GLU A 257 -3.96 4.06 -17.11
CA GLU A 257 -5.08 4.94 -17.33
C GLU A 257 -6.21 4.62 -16.36
N ALA A 258 -6.45 3.33 -16.16
CA ALA A 258 -7.44 2.84 -15.20
C ALA A 258 -7.10 3.27 -13.78
N ALA A 259 -5.84 3.10 -13.40
CA ALA A 259 -5.42 3.48 -12.06
C ALA A 259 -5.52 4.98 -11.84
N ASN A 260 -5.18 5.75 -12.85
CA ASN A 260 -5.15 7.20 -12.70
C ASN A 260 -6.57 7.73 -12.50
N LYS A 261 -7.51 7.05 -13.14
CA LYS A 261 -8.92 7.38 -12.99
C LYS A 261 -9.43 7.02 -11.60
N VAL A 262 -9.36 5.73 -11.25
CA VAL A 262 -9.97 5.28 -10.00
C VAL A 262 -9.27 5.86 -8.77
N PHE A 263 -7.97 6.15 -8.86
CA PHE A 263 -7.26 6.73 -7.71
C PHE A 263 -7.17 8.25 -7.80
N ASN A 264 -7.89 8.84 -8.74
CA ASN A 264 -7.95 10.30 -8.87
C ASN A 264 -6.56 10.94 -8.78
N GLY A 265 -5.64 10.46 -9.62
CA GLY A 265 -4.28 11.01 -9.70
C GLY A 265 -3.35 10.54 -8.60
N GLY A 266 -3.82 9.65 -7.75
CA GLY A 266 -3.02 9.19 -6.62
C GLY A 266 -2.20 7.94 -6.90
N ALA A 267 -1.97 7.64 -8.19
CA ALA A 267 -1.16 6.49 -8.60
C ALA A 267 -0.07 6.94 -9.57
N VAL A 268 1.18 6.77 -9.17
CA VAL A 268 2.32 7.16 -9.98
C VAL A 268 2.98 5.93 -10.61
N LYS A 269 3.10 5.96 -11.93
CA LYS A 269 3.71 4.86 -12.68
C LYS A 269 5.14 4.60 -12.19
N GLY A 270 5.44 3.34 -11.87
CA GLY A 270 6.71 2.99 -11.26
C GLY A 270 7.63 2.22 -12.18
N TRP A 271 7.14 1.85 -13.36
CA TRP A 271 7.95 1.10 -14.31
C TRP A 271 8.57 1.96 -15.39
N LEU A 272 9.47 1.36 -16.16
CA LEU A 272 10.16 2.10 -17.21
C LEU A 272 9.23 2.39 -18.39
N GLU A 273 9.12 3.67 -18.72
CA GLU A 273 8.37 4.13 -19.88
C GLU A 273 9.04 3.72 -21.19
N MET B . -0.61 -0.28 -1.52
CA MET B . 0.04 -0.06 -0.23
C MET B . 0.72 1.29 -0.24
O MET B . 1.45 1.57 -1.20
CB MET B . 1.06 -1.16 0.06
CG MET B . 1.66 -1.10 1.47
SD MET B . 2.88 -2.40 1.80
CE MET B . 1.80 -3.82 1.97
OXT MET B . 0.56 2.09 0.70
HA MET B . -0.63 -0.07 0.48
HB2 MET B . 0.64 -2.02 -0.04
HB3 MET B . 1.80 -1.07 -0.56
HG2 MET B . 2.09 -0.24 1.59
HG3 MET B . 0.94 -1.20 2.11
HE1 MET B . 1.19 -3.66 2.71
HE2 MET B . 1.31 -3.94 1.15
HE3 MET B . 2.34 -4.60 2.15
#